data_4FZV
#
_entry.id   4FZV
#
_cell.length_a   298.667
_cell.length_b   53.226
_cell.length_c   52.963
_cell.angle_alpha   90.00
_cell.angle_beta   98.75
_cell.angle_gamma   90.00
#
_symmetry.space_group_name_H-M   'C 1 2 1'
#
loop_
_entity.id
_entity.type
_entity.pdbx_description
1 polymer 'Putative methyltransferase NSUN4'
2 polymer 'mTERF domain-containing protein 2'
3 non-polymer S-ADENOSYLMETHIONINE
4 non-polymer 'FORMIC ACID'
5 non-polymer 1,2-ETHANEDIOL
6 water water
#
loop_
_entity_poly.entity_id
_entity_poly.type
_entity_poly.pdbx_seq_one_letter_code
_entity_poly.pdbx_strand_id
1 'polypeptide(L)'
;RYKKKWAATEPKFPAVRLALQNFD(MSE)TYSVQFGDLWPSIRVSLLSEQKYGALVNNFAAWDHVSAKLEQLSAKDFVNE
AISHWELQSEGGQSAAPSPASWACSPNLRCFTFDRGDISRFPPARPGSLGV(MSE)EYYL(MSE)DAASLLPVLALGLQP
GDIVLDLCAAPGGKTLALLQTGCCRNLAANDLSPSRIARLQKILHSYVPEEIRDGNQVRVTSWDGRKWGELEGDTYDRVL
VDVPCTTDRHSLHEEENNIFKRSRKKERQILPVLQVQLLAAGLLATKPGGHVVYSTCSLSHLQNEYVVQGAIELLANQYS
IQVQVEDLTHFRRVF(MSE)DTFCFFSSCQVGELVIPNL(MSE)ANFGP(MSE)YFCK(MSE)RRLT
;
A
2 'polypeptide(L)'
;(UNK)(UNK)(UNK)(UNK)(UNK)(UNK)(UNK)(UNK)(UNK)(UNK)(UNK)(UNK)(UNK)(UNK)(UNK)(UNK)
(UNK)(UNK)(UNK)(UNK)(UNK)(UNK)(UNK)(UNK)(UNK)(UNK)(UNK)(UNK)(UNK)(UNK)QQLLDIISEF
ILLGLNPEPVCVVLKKSPQLLKLPIMQMRKRSSYLQKLGLGEGKLKRVLYCCPEIFTMRQQDINDTVRLLKEKCLFTVQQ
VTKILHSCPSVLREDLGQLEYKFQYAYFRMGIKHPDIVKSEYLQYSLTKIKQRHIYLERLGRYQTPDKKGQTQIPNPLLK
DILRVSEAEFLARTACTSVEEFQVFKKLLAREEEESESS
;
B
#
# COMPACT_ATOMS: atom_id res chain seq x y z
N PHE A 13 -20.54 7.28 -5.50
CA PHE A 13 -21.72 6.43 -5.67
C PHE A 13 -21.46 4.94 -5.39
N PRO A 14 -20.30 4.41 -5.82
CA PRO A 14 -19.99 3.09 -5.26
C PRO A 14 -19.84 3.26 -3.76
N ALA A 15 -20.27 2.27 -2.99
CA ALA A 15 -20.13 2.33 -1.53
C ALA A 15 -18.65 2.37 -1.17
N VAL A 16 -17.83 1.70 -1.97
CA VAL A 16 -16.39 1.70 -1.76
C VAL A 16 -15.86 3.14 -1.85
N ARG A 17 -16.48 3.95 -2.69
CA ARG A 17 -16.08 5.35 -2.84
C ARG A 17 -16.59 6.26 -1.72
N LEU A 18 -17.79 5.99 -1.24
CA LEU A 18 -18.32 6.71 -0.09
C LEU A 18 -17.48 6.41 1.16
N ALA A 19 -16.96 5.20 1.24
CA ALA A 19 -16.08 4.82 2.34
C ALA A 19 -14.81 5.68 2.33
N LEU A 20 -14.18 5.79 1.17
CA LEU A 20 -12.92 6.53 1.04
C LEU A 20 -13.13 8.02 1.33
N GLN A 21 -14.24 8.54 0.84
CA GLN A 21 -14.60 9.92 1.09
C GLN A 21 -14.81 10.17 2.58
N ASN A 22 -15.51 9.27 3.24
CA ASN A 22 -15.76 9.36 4.65
CA ASN A 22 -15.76 9.37 4.65
C ASN A 22 -14.43 9.26 5.41
N PHE A 23 -13.55 8.33 5.00
CA PHE A 23 -12.29 8.15 5.72
C PHE A 23 -11.39 9.39 5.50
N ASP A 24 -11.42 9.93 4.29
CA ASP A 24 -10.57 11.07 4.00
C ASP A 24 -10.90 12.23 4.92
N THR A 26 -12.53 12.10 7.87
CA THR A 26 -12.36 11.91 9.29
C THR A 26 -10.89 11.62 9.72
N TYR A 27 -10.15 10.92 8.86
CA TYR A 27 -8.85 10.38 9.31
C TYR A 27 -7.75 11.42 8.95
N SER A 28 -7.99 12.27 7.95
CA SER A 28 -7.04 13.36 7.77
C SER A 28 -7.13 14.27 9.04
N VAL A 29 -8.31 14.44 9.61
CA VAL A 29 -8.43 15.14 10.89
C VAL A 29 -7.73 14.33 12.01
N GLN A 30 -8.00 13.03 12.11
CA GLN A 30 -7.42 12.32 13.24
C GLN A 30 -5.91 12.26 13.19
N PHE A 31 -5.37 12.04 11.99
CA PHE A 31 -3.97 11.66 11.84
C PHE A 31 -3.06 12.73 11.25
N GLY A 32 -3.65 13.74 10.62
CA GLY A 32 -2.86 14.82 10.03
C GLY A 32 -1.87 14.32 8.99
N ASP A 33 -0.62 14.75 9.11
CA ASP A 33 0.43 14.42 8.15
C ASP A 33 0.67 12.92 8.02
N LEU A 34 0.12 12.16 8.95
CA LEU A 34 0.31 10.73 8.99
C LEU A 34 -0.68 9.99 8.10
N TRP A 35 -1.81 10.65 7.83
CA TRP A 35 -2.90 10.03 7.06
C TRP A 35 -2.51 9.45 5.66
N PRO A 36 -1.80 10.22 4.82
CA PRO A 36 -1.41 9.66 3.51
C PRO A 36 -0.72 8.29 3.58
N SER A 37 0.23 8.12 4.49
CA SER A 37 0.97 6.87 4.60
C SER A 37 0.03 5.72 4.98
N ILE A 38 -0.98 6.02 5.79
CA ILE A 38 -1.97 5.03 6.16
C ILE A 38 -2.90 4.74 4.99
N ARG A 39 -3.36 5.80 4.35
CA ARG A 39 -4.26 5.74 3.19
C ARG A 39 -3.69 4.86 2.06
N VAL A 40 -2.45 5.11 1.67
CA VAL A 40 -1.85 4.32 0.57
C VAL A 40 -1.78 2.83 0.94
N SER A 41 -1.62 2.55 2.24
CA SER A 41 -1.50 1.17 2.72
C SER A 41 -2.86 0.48 2.73
N LEU A 42 -3.89 1.20 3.14
CA LEU A 42 -5.27 0.71 3.06
C LEU A 42 -5.67 0.35 1.63
N LEU A 43 -5.10 1.06 0.66
CA LEU A 43 -5.44 0.85 -0.73
C LEU A 43 -4.47 -0.08 -1.47
N SER A 44 -3.57 -0.71 -0.73
CA SER A 44 -2.59 -1.64 -1.32
C SER A 44 -2.68 -3.01 -0.63
N GLU A 45 -2.03 -4.02 -1.17
CA GLU A 45 -2.19 -5.35 -0.60
C GLU A 45 -1.75 -5.48 0.87
N GLN A 46 -2.64 -6.01 1.69
CA GLN A 46 -2.41 -6.28 3.11
C GLN A 46 -1.32 -7.34 3.29
N LYS A 47 -0.54 -7.20 4.36
CA LYS A 47 0.51 -8.15 4.68
C LYS A 47 -0.08 -9.23 5.60
N TYR A 48 0.34 -10.48 5.46
CA TYR A 48 -0.23 -11.56 6.27
C TYR A 48 0.80 -12.24 7.18
N GLY A 49 0.33 -12.77 8.30
CA GLY A 49 1.13 -13.66 9.10
C GLY A 49 0.55 -15.07 9.02
N ALA A 50 1.40 -16.07 9.28
CA ALA A 50 0.99 -17.46 9.26
C ALA A 50 0.99 -17.99 10.69
N LEU A 51 -0.21 -18.12 11.27
CA LEU A 51 -0.36 -18.68 12.60
C LEU A 51 -0.23 -20.18 12.53
N VAL A 52 0.80 -20.71 13.16
CA VAL A 52 1.08 -22.14 13.09
C VAL A 52 0.02 -22.90 13.86
N ASN A 53 -0.48 -23.98 13.28
CA ASN A 53 -1.41 -24.83 14.01
C ASN A 53 -0.71 -25.67 15.09
N ASN A 54 -0.89 -25.34 16.38
CA ASN A 54 -0.24 -26.17 17.43
C ASN A 54 -0.79 -27.59 17.52
N PHE A 55 -1.92 -27.85 16.86
CA PHE A 55 -2.49 -29.21 16.82
C PHE A 55 -1.91 -30.02 15.66
N ALA A 56 -1.21 -29.36 14.74
CA ALA A 56 -0.47 -30.07 13.69
C ALA A 56 0.97 -30.32 14.15
N ALA A 57 1.87 -30.61 13.21
CA ALA A 57 3.26 -30.84 13.57
C ALA A 57 3.94 -29.45 13.62
N TRP A 58 3.75 -28.77 14.75
CA TRP A 58 4.03 -27.31 14.83
C TRP A 58 5.51 -26.99 14.64
N ASP A 59 6.37 -27.89 15.10
CA ASP A 59 7.82 -27.69 15.04
C ASP A 59 8.28 -27.79 13.59
N HIS A 60 7.81 -28.83 12.91
CA HIS A 60 8.08 -29.05 11.49
C HIS A 60 7.58 -27.87 10.64
N VAL A 61 6.34 -27.48 10.87
CA VAL A 61 5.71 -26.41 10.12
C VAL A 61 6.45 -25.10 10.36
N SER A 62 6.80 -24.83 11.62
CA SER A 62 7.64 -23.67 11.95
C SER A 62 8.95 -23.66 11.16
N ALA A 63 9.60 -24.82 11.07
CA ALA A 63 10.84 -24.94 10.29
C ALA A 63 10.62 -24.64 8.81
N LYS A 64 9.52 -25.14 8.23
CA LYS A 64 9.23 -24.85 6.83
C LYS A 64 8.99 -23.34 6.64
N LEU A 65 8.31 -22.71 7.60
CA LEU A 65 8.05 -21.27 7.44
C LEU A 65 9.35 -20.47 7.53
N GLU A 66 10.21 -20.83 8.48
CA GLU A 66 11.54 -20.23 8.60
C GLU A 66 12.35 -20.34 7.31
N GLN A 67 12.27 -21.50 6.65
CA GLN A 67 13.01 -21.72 5.42
C GLN A 67 12.57 -20.77 4.30
N LEU A 68 11.35 -20.26 4.40
CA LEU A 68 10.83 -19.30 3.44
C LEU A 68 11.44 -17.91 3.64
N SER A 69 12.18 -17.75 4.74
CA SER A 69 12.75 -16.48 5.24
C SER A 69 11.79 -15.66 6.11
N ALA A 70 10.67 -16.26 6.50
CA ALA A 70 9.76 -15.64 7.45
C ALA A 70 10.24 -15.89 8.89
N LYS A 71 9.72 -15.12 9.85
CA LYS A 71 10.17 -15.29 11.24
C LYS A 71 9.00 -15.18 12.20
N ASP A 72 9.08 -15.92 13.31
CA ASP A 72 7.96 -15.89 14.28
C ASP A 72 8.05 -14.52 15.00
N PHE A 73 7.14 -13.58 14.65
CA PHE A 73 7.22 -12.24 15.24
C PHE A 73 6.84 -12.29 16.71
N VAL A 74 6.04 -13.27 17.14
CA VAL A 74 5.71 -13.42 18.57
C VAL A 74 6.92 -13.81 19.39
N ASN A 75 7.63 -14.84 18.94
CA ASN A 75 8.82 -15.21 19.66
C ASN A 75 9.84 -14.04 19.68
N GLU A 76 9.95 -13.35 18.57
CA GLU A 76 10.92 -12.29 18.45
C GLU A 76 10.58 -11.15 19.45
N ALA A 77 9.32 -10.73 19.49
CA ALA A 77 8.88 -9.72 20.48
C ALA A 77 9.08 -10.19 21.91
N ILE A 78 8.64 -11.40 22.20
CA ILE A 78 8.76 -11.96 23.55
C ILE A 78 10.20 -12.12 24.04
N SER A 79 11.08 -12.42 23.11
CA SER A 79 12.44 -12.60 23.51
C SER A 79 12.97 -11.21 23.94
N HIS A 80 12.33 -10.12 23.54
CA HIS A 80 12.79 -8.78 23.95
C HIS A 80 11.97 -8.17 25.09
N TRP A 81 11.21 -9.00 25.77
CA TRP A 81 10.30 -8.52 26.80
C TRP A 81 10.98 -7.74 27.93
N GLU A 82 12.10 -8.26 28.43
CA GLU A 82 12.80 -7.67 29.58
C GLU A 82 13.94 -6.78 29.12
N LEU A 83 14.06 -6.63 27.81
CA LEU A 83 14.85 -5.57 27.21
C LEU A 83 13.90 -4.37 27.28
N GLN A 84 14.23 -3.29 26.58
CA GLN A 84 13.54 -1.99 26.69
C GLN A 84 14.04 -1.29 27.96
N SER A 85 14.89 -2.01 28.71
CA SER A 85 15.44 -1.55 29.98
C SER A 85 14.35 -1.26 31.01
N ALA A 91 10.48 -0.48 32.95
CA ALA A 91 10.72 -1.91 32.81
C ALA A 91 9.41 -2.64 32.56
N ALA A 92 9.48 -3.93 32.27
CA ALA A 92 8.28 -4.72 32.13
C ALA A 92 7.51 -4.78 33.45
N PRO A 93 6.18 -4.66 33.40
CA PRO A 93 5.30 -4.81 34.56
C PRO A 93 5.38 -6.23 35.17
N SER A 94 5.67 -7.22 34.33
CA SER A 94 5.67 -8.62 34.75
C SER A 94 6.40 -9.44 33.68
N PRO A 95 6.72 -10.71 33.98
CA PRO A 95 7.29 -11.53 32.90
C PRO A 95 6.31 -11.63 31.73
N ALA A 96 6.84 -11.86 30.53
CA ALA A 96 5.97 -12.06 29.36
C ALA A 96 4.87 -13.10 29.61
N SER A 97 5.21 -14.16 30.32
CA SER A 97 4.24 -15.24 30.56
C SER A 97 3.09 -14.82 31.47
N TRP A 98 3.32 -13.81 32.30
CA TRP A 98 2.22 -13.25 33.08
C TRP A 98 1.31 -12.41 32.19
N ALA A 99 1.91 -11.73 31.21
CA ALA A 99 1.18 -10.71 30.46
C ALA A 99 0.54 -11.18 29.14
N CYS A 100 1.16 -12.15 28.46
CA CYS A 100 0.70 -12.55 27.13
C CYS A 100 0.16 -13.96 27.09
N SER A 101 -0.88 -14.18 26.27
CA SER A 101 -1.36 -15.54 26.04
C SER A 101 -0.20 -16.37 25.42
N PRO A 102 -0.03 -17.63 25.87
CA PRO A 102 1.19 -18.38 25.49
C PRO A 102 1.02 -19.27 24.26
N ASN A 103 2.16 -19.76 23.73
CA ASN A 103 2.18 -20.83 22.72
C ASN A 103 1.80 -20.42 21.32
N LEU A 104 1.67 -19.12 21.08
CA LEU A 104 1.25 -18.66 19.77
C LEU A 104 2.46 -18.37 18.88
N ARG A 105 2.50 -19.04 17.74
CA ARG A 105 3.60 -18.86 16.80
C ARG A 105 3.05 -18.32 15.50
N CYS A 106 3.51 -17.14 15.11
CA CYS A 106 2.96 -16.50 13.92
C CYS A 106 4.09 -15.88 13.10
N PHE A 107 4.23 -16.33 11.87
CA PHE A 107 5.38 -16.02 11.06
C PHE A 107 5.02 -14.92 10.10
N THR A 108 5.93 -13.96 9.94
CA THR A 108 5.74 -12.86 9.00
C THR A 108 7.05 -12.64 8.30
N PHE A 109 6.99 -12.09 7.09
CA PHE A 109 8.22 -11.77 6.39
C PHE A 109 8.75 -10.43 6.92
N ASP A 110 10.03 -10.15 6.67
CA ASP A 110 10.69 -8.94 7.16
C ASP A 110 9.97 -7.67 6.70
N ARG A 111 10.11 -6.60 7.50
CA ARG A 111 9.55 -5.31 7.10
C ARG A 111 10.03 -4.92 5.70
N GLY A 112 9.08 -4.52 4.86
CA GLY A 112 9.40 -4.17 3.48
C GLY A 112 9.38 -5.35 2.53
N ASP A 113 9.34 -6.57 3.06
CA ASP A 113 9.29 -7.76 2.21
C ASP A 113 7.81 -8.04 1.96
N ILE A 114 7.43 -8.15 0.69
CA ILE A 114 6.01 -8.26 0.35
C ILE A 114 5.57 -9.67 0.01
N SER A 115 6.43 -10.65 0.31
CA SER A 115 6.14 -12.05 -0.05
C SER A 115 4.82 -12.55 0.52
N ARG A 116 4.21 -13.49 -0.20
CA ARG A 116 3.00 -14.14 0.28
C ARG A 116 3.39 -15.53 0.75
N PHE A 117 2.68 -16.04 1.76
CA PHE A 117 2.83 -17.44 2.12
C PHE A 117 2.02 -18.29 1.14
N PRO A 118 2.46 -19.54 0.86
CA PRO A 118 1.55 -20.41 0.12
C PRO A 118 0.29 -20.67 0.94
N PRO A 119 -0.83 -20.99 0.28
CA PRO A 119 -2.03 -21.37 1.03
C PRO A 119 -1.73 -22.62 1.85
N ALA A 120 -2.33 -22.73 3.04
CA ALA A 120 -2.08 -23.86 3.89
C ALA A 120 -2.75 -25.13 3.38
N ARG A 121 -2.16 -26.27 3.69
CA ARG A 121 -2.74 -27.55 3.32
C ARG A 121 -2.81 -28.40 4.57
N PRO A 122 -3.64 -29.46 4.55
CA PRO A 122 -3.64 -30.37 5.70
C PRO A 122 -2.31 -31.13 5.78
N GLY A 123 -1.82 -31.37 7.00
CA GLY A 123 -0.62 -32.16 7.23
C GLY A 123 -0.96 -33.58 7.63
N SER A 124 -0.04 -34.24 8.32
CA SER A 124 -0.19 -35.68 8.60
C SER A 124 -1.42 -36.01 9.46
N LEU A 125 -1.66 -35.19 10.47
CA LEU A 125 -2.81 -35.35 11.36
C LEU A 125 -4.14 -34.97 10.68
N GLY A 126 -4.07 -34.60 9.40
CA GLY A 126 -5.25 -34.26 8.64
C GLY A 126 -5.79 -32.85 8.91
N VAL A 127 -5.09 -32.07 9.72
CA VAL A 127 -5.50 -30.68 9.95
C VAL A 127 -4.60 -29.68 9.22
N GLU A 129 -2.02 -26.86 8.36
CA GLU A 129 -0.75 -26.59 9.03
C GLU A 129 -0.65 -25.20 9.64
N TYR A 130 -1.31 -24.24 9.02
CA TYR A 130 -1.29 -22.87 9.56
C TYR A 130 -2.48 -22.11 9.04
N TYR A 131 -2.71 -20.94 9.61
CA TYR A 131 -3.86 -20.11 9.27
C TYR A 131 -3.34 -18.72 8.91
N LEU A 132 -3.64 -18.27 7.69
CA LEU A 132 -3.14 -16.96 7.22
C LEU A 132 -4.05 -15.84 7.69
N ASP A 134 -4.31 -11.38 9.04
CA ASP A 134 -3.65 -10.12 9.38
C ASP A 134 -2.92 -10.35 10.68
N ALA A 135 -1.59 -10.20 10.67
CA ALA A 135 -0.82 -10.47 11.90
C ALA A 135 -1.32 -9.61 13.07
N ALA A 136 -1.80 -8.41 12.76
CA ALA A 136 -2.30 -7.52 13.83
C ALA A 136 -3.46 -8.14 14.61
N SER A 137 -4.27 -8.96 13.95
CA SER A 137 -5.40 -9.64 14.59
CA SER A 137 -5.39 -9.63 14.57
CA SER A 137 -5.41 -9.54 14.65
C SER A 137 -4.98 -10.52 15.76
N LEU A 138 -3.73 -10.95 15.76
CA LEU A 138 -3.27 -11.78 16.85
C LEU A 138 -3.04 -10.97 18.14
N LEU A 139 -2.83 -9.66 18.00
CA LEU A 139 -2.43 -8.86 19.17
C LEU A 139 -3.48 -8.79 20.28
N PRO A 140 -4.77 -8.57 19.95
CA PRO A 140 -5.77 -8.58 21.03
C PRO A 140 -5.80 -9.93 21.76
N VAL A 141 -5.60 -11.02 21.04
CA VAL A 141 -5.55 -12.34 21.68
C VAL A 141 -4.34 -12.45 22.62
N LEU A 142 -3.18 -12.03 22.13
CA LEU A 142 -1.98 -12.01 22.95
C LEU A 142 -2.16 -11.13 24.17
N ALA A 143 -2.76 -9.95 23.98
CA ALA A 143 -2.84 -8.96 25.05
C ALA A 143 -3.84 -9.41 26.10
N LEU A 144 -4.77 -10.29 25.72
CA LEU A 144 -5.80 -10.74 26.67
C LEU A 144 -5.21 -11.52 27.87
N GLY A 145 -4.03 -12.11 27.68
CA GLY A 145 -3.27 -12.70 28.78
C GLY A 145 -3.83 -14.02 29.28
N LEU A 146 -4.29 -14.89 28.38
CA LEU A 146 -4.84 -16.19 28.81
C LEU A 146 -3.83 -16.92 29.68
N GLN A 147 -4.31 -17.70 30.64
CA GLN A 147 -3.41 -18.52 31.44
C GLN A 147 -4.12 -19.86 31.61
N PRO A 148 -3.36 -20.93 31.89
CA PRO A 148 -3.98 -22.26 32.03
C PRO A 148 -5.18 -22.31 32.97
N GLY A 149 -6.27 -22.93 32.52
CA GLY A 149 -7.44 -23.16 33.36
C GLY A 149 -8.49 -22.08 33.14
N ASP A 150 -8.18 -21.10 32.30
CA ASP A 150 -9.12 -20.00 32.04
C ASP A 150 -10.44 -20.40 31.36
N ILE A 151 -11.52 -19.80 31.85
CA ILE A 151 -12.83 -19.90 31.23
CA ILE A 151 -12.84 -19.88 31.23
C ILE A 151 -12.98 -18.67 30.33
N VAL A 152 -13.15 -18.91 29.02
CA VAL A 152 -12.97 -17.84 28.04
C VAL A 152 -14.20 -17.65 27.15
N LEU A 153 -14.53 -16.40 26.86
CA LEU A 153 -15.64 -16.05 26.00
C LEU A 153 -15.16 -15.18 24.83
N ASP A 154 -15.47 -15.63 23.62
CA ASP A 154 -15.29 -14.86 22.39
C ASP A 154 -16.70 -14.43 21.93
N LEU A 155 -17.06 -13.19 22.21
CA LEU A 155 -18.45 -12.73 22.13
C LEU A 155 -18.97 -12.50 20.70
N CYS A 156 -18.04 -12.20 19.79
CA CYS A 156 -18.36 -11.90 18.39
C CYS A 156 -17.31 -12.64 17.59
N ALA A 157 -17.52 -13.94 17.43
CA ALA A 157 -16.40 -14.84 17.17
C ALA A 157 -16.11 -15.14 15.70
N ALA A 158 -17.11 -15.00 14.85
CA ALA A 158 -17.00 -15.51 13.48
C ALA A 158 -16.30 -14.52 12.57
N PRO A 159 -15.56 -15.01 11.55
CA PRO A 159 -15.46 -16.41 11.11
C PRO A 159 -14.47 -17.25 11.94
N GLY A 160 -13.78 -16.66 12.90
CA GLY A 160 -13.07 -17.46 13.89
C GLY A 160 -11.54 -17.38 13.93
N GLY A 161 -10.95 -16.35 13.34
CA GLY A 161 -9.50 -16.19 13.42
C GLY A 161 -9.00 -16.06 14.85
N LYS A 162 -9.58 -15.14 15.62
CA LYS A 162 -9.19 -14.98 17.01
C LYS A 162 -9.63 -16.18 17.89
N THR A 163 -10.78 -16.76 17.56
CA THR A 163 -11.22 -18.00 18.24
C THR A 163 -10.21 -19.11 18.13
N LEU A 164 -9.72 -19.32 16.92
CA LEU A 164 -8.70 -20.31 16.67
C LEU A 164 -7.42 -20.01 17.48
N ALA A 165 -7.01 -18.74 17.51
CA ALA A 165 -5.81 -18.40 18.26
C ALA A 165 -6.03 -18.65 19.75
N LEU A 166 -7.21 -18.32 20.28
CA LEU A 166 -7.51 -18.56 21.68
C LEU A 166 -7.36 -20.05 22.02
N LEU A 167 -7.85 -20.90 21.12
CA LEU A 167 -7.78 -22.34 21.31
CA LEU A 167 -7.78 -22.33 21.33
C LEU A 167 -6.33 -22.82 21.25
N GLN A 168 -5.55 -22.25 20.33
CA GLN A 168 -4.15 -22.63 20.14
CA GLN A 168 -4.18 -22.70 20.19
C GLN A 168 -3.32 -22.41 21.41
N THR A 169 -3.72 -21.45 22.25
CA THR A 169 -2.94 -21.22 23.47
C THR A 169 -2.90 -22.43 24.36
N GLY A 170 -3.87 -23.35 24.18
CA GLY A 170 -4.04 -24.49 25.07
C GLY A 170 -4.43 -24.05 26.49
N CYS A 171 -4.88 -22.80 26.67
CA CYS A 171 -5.24 -22.30 27.99
C CYS A 171 -6.76 -22.28 28.27
N CYS A 172 -7.57 -22.60 27.28
CA CYS A 172 -9.01 -22.50 27.49
C CYS A 172 -9.52 -23.78 28.10
N ARG A 173 -9.75 -23.79 29.40
CA ARG A 173 -10.46 -24.91 30.03
C ARG A 173 -11.84 -25.01 29.33
N ASN A 174 -12.47 -23.88 29.09
CA ASN A 174 -13.67 -23.82 28.27
C ASN A 174 -13.61 -22.56 27.42
N LEU A 175 -14.10 -22.68 26.19
CA LEU A 175 -14.19 -21.56 25.29
C LEU A 175 -15.60 -21.42 24.72
N ALA A 176 -16.27 -20.32 25.04
CA ALA A 176 -17.58 -20.07 24.45
C ALA A 176 -17.28 -19.22 23.19
N ALA A 177 -17.72 -19.70 22.05
CA ALA A 177 -17.52 -18.93 20.81
C ALA A 177 -18.89 -18.61 20.29
N ASN A 178 -19.20 -17.31 20.25
CA ASN A 178 -20.52 -16.84 19.94
C ASN A 178 -20.52 -15.92 18.74
N ASP A 179 -21.58 -15.97 17.93
CA ASP A 179 -21.73 -14.96 16.89
C ASP A 179 -23.17 -14.93 16.46
N LEU A 180 -23.69 -13.71 16.36
CA LEU A 180 -25.12 -13.57 16.11
C LEU A 180 -25.51 -14.15 14.76
N SER A 181 -24.59 -14.22 13.83
CA SER A 181 -24.95 -14.64 12.48
C SER A 181 -24.77 -16.16 12.34
N PRO A 182 -25.88 -16.89 12.11
CA PRO A 182 -25.81 -18.36 11.90
C PRO A 182 -24.91 -18.75 10.71
N SER A 183 -24.96 -17.96 9.65
CA SER A 183 -24.11 -18.25 8.48
C SER A 183 -22.64 -18.01 8.72
N ARG A 184 -22.28 -16.92 9.39
CA ARG A 184 -20.88 -16.74 9.73
C ARG A 184 -20.39 -17.78 10.75
N ILE A 185 -21.28 -18.22 11.63
CA ILE A 185 -20.97 -19.31 12.55
C ILE A 185 -20.66 -20.63 11.77
N ALA A 186 -21.33 -20.84 10.65
CA ALA A 186 -21.03 -21.98 9.79
C ALA A 186 -19.59 -21.92 9.24
N ARG A 187 -19.13 -20.74 8.86
CA ARG A 187 -17.70 -20.55 8.56
C ARG A 187 -16.78 -20.87 9.75
N LEU A 188 -17.14 -20.41 10.95
CA LEU A 188 -16.34 -20.72 12.13
C LEU A 188 -16.29 -22.25 12.34
N GLN A 189 -17.41 -22.92 12.14
CA GLN A 189 -17.44 -24.38 12.35
C GLN A 189 -16.53 -25.10 11.34
N LYS A 190 -16.48 -24.57 10.11
CA LYS A 190 -15.61 -25.11 9.05
C LYS A 190 -14.16 -24.97 9.48
N ILE A 191 -13.81 -23.80 10.00
CA ILE A 191 -12.46 -23.58 10.48
C ILE A 191 -12.10 -24.52 11.63
N LEU A 192 -12.98 -24.65 12.64
CA LEU A 192 -12.72 -25.59 13.75
C LEU A 192 -12.54 -27.01 13.24
N HIS A 193 -13.34 -27.40 12.27
CA HIS A 193 -13.20 -28.75 11.69
C HIS A 193 -11.88 -28.96 10.90
N SER A 194 -11.43 -27.91 10.22
CA SER A 194 -10.19 -28.00 9.46
C SER A 194 -8.93 -27.96 10.32
N TYR A 195 -8.99 -27.27 11.47
CA TYR A 195 -7.80 -26.99 12.29
C TYR A 195 -7.71 -27.83 13.55
N VAL A 196 -8.87 -28.17 14.11
CA VAL A 196 -8.89 -28.69 15.50
C VAL A 196 -9.36 -30.12 15.45
N PRO A 197 -8.59 -31.06 16.00
CA PRO A 197 -9.14 -32.41 15.99
C PRO A 197 -10.51 -32.59 16.67
N GLU A 198 -11.26 -33.55 16.13
CA GLU A 198 -12.53 -33.98 16.68
C GLU A 198 -12.25 -34.60 18.02
N GLU A 199 -12.08 -33.78 19.05
CA GLU A 199 -11.73 -34.28 20.36
C GLU A 199 -11.86 -33.10 21.26
N ILE A 200 -11.23 -32.03 20.83
CA ILE A 200 -11.32 -30.72 21.48
C ILE A 200 -12.57 -29.97 21.01
N ARG A 201 -12.84 -29.98 19.71
CA ARG A 201 -13.98 -29.23 19.16
C ARG A 201 -15.34 -29.90 19.49
N ASP A 202 -15.39 -31.24 19.44
CA ASP A 202 -16.57 -32.01 19.87
C ASP A 202 -16.54 -32.52 21.34
N GLY A 203 -15.94 -31.77 22.27
CA GLY A 203 -15.86 -32.21 23.66
C GLY A 203 -16.67 -31.30 24.59
N ASN A 204 -16.30 -31.25 25.86
CA ASN A 204 -16.86 -30.26 26.80
C ASN A 204 -16.14 -28.90 26.71
N GLN A 205 -15.11 -28.81 25.90
CA GLN A 205 -14.28 -27.66 25.92
C GLN A 205 -14.87 -26.43 25.18
N VAL A 206 -15.58 -26.66 24.10
CA VAL A 206 -15.95 -25.57 23.25
C VAL A 206 -17.45 -25.54 23.13
N ARG A 207 -18.05 -24.37 23.34
CA ARG A 207 -19.51 -24.28 23.05
C ARG A 207 -19.75 -23.18 22.00
N VAL A 208 -20.34 -23.53 20.86
CA VAL A 208 -20.53 -22.57 19.78
C VAL A 208 -22.03 -22.12 19.75
N THR A 209 -22.28 -20.80 19.83
CA THR A 209 -23.68 -20.36 19.85
C THR A 209 -23.89 -19.22 18.87
N SER A 210 -25.14 -19.01 18.49
CA SER A 210 -25.53 -17.84 17.70
CA SER A 210 -25.51 -17.82 17.70
C SER A 210 -26.56 -17.01 18.45
N TRP A 211 -26.14 -16.34 19.51
CA TRP A 211 -26.97 -15.54 20.40
C TRP A 211 -26.55 -14.07 20.27
N ASP A 212 -27.44 -13.14 20.63
CA ASP A 212 -27.12 -11.72 20.63
C ASP A 212 -26.16 -11.48 21.79
N GLY A 213 -24.94 -11.05 21.48
CA GLY A 213 -23.93 -10.83 22.51
C GLY A 213 -24.34 -9.80 23.54
N ARG A 214 -25.30 -8.93 23.21
CA ARG A 214 -25.68 -7.88 24.14
C ARG A 214 -26.38 -8.44 25.38
N LYS A 215 -26.84 -9.68 25.28
CA LYS A 215 -27.64 -10.27 26.35
C LYS A 215 -26.76 -11.00 27.37
N TRP A 216 -25.45 -10.98 27.18
CA TRP A 216 -24.57 -11.85 27.98
C TRP A 216 -24.62 -11.66 29.50
N GLY A 217 -24.85 -10.43 29.96
CA GLY A 217 -24.98 -10.19 31.38
C GLY A 217 -26.16 -10.90 32.02
N GLU A 218 -27.22 -11.12 31.25
CA GLU A 218 -28.38 -11.87 31.73
C GLU A 218 -28.20 -13.38 31.54
N LEU A 219 -27.38 -13.77 30.57
CA LEU A 219 -27.19 -15.20 30.27
C LEU A 219 -26.17 -15.84 31.21
N GLU A 220 -24.97 -15.27 31.24
CA GLU A 220 -23.86 -15.83 32.01
C GLU A 220 -23.08 -14.73 32.73
N GLY A 221 -23.76 -14.00 33.62
CA GLY A 221 -23.10 -12.94 34.37
C GLY A 221 -21.92 -13.46 35.19
N ASP A 222 -20.90 -12.64 35.36
CA ASP A 222 -19.79 -12.94 36.28
C ASP A 222 -19.20 -14.32 36.06
N THR A 223 -19.07 -14.78 34.82
CA THR A 223 -18.72 -16.19 34.58
C THR A 223 -17.30 -16.43 34.03
N TYR A 224 -16.83 -15.49 33.20
CA TYR A 224 -15.61 -15.71 32.40
C TYR A 224 -14.36 -15.06 32.99
N ASP A 225 -13.23 -15.76 32.94
CA ASP A 225 -11.95 -15.18 33.35
C ASP A 225 -11.43 -14.18 32.33
N ARG A 226 -11.72 -14.46 31.06
CA ARG A 226 -11.17 -13.70 29.95
C ARG A 226 -12.26 -13.54 28.89
N VAL A 227 -12.49 -12.31 28.45
CA VAL A 227 -13.49 -12.08 27.43
C VAL A 227 -12.88 -11.27 26.29
N LEU A 228 -13.07 -11.75 25.06
CA LEU A 228 -12.70 -10.99 23.88
C LEU A 228 -13.94 -10.41 23.22
N VAL A 229 -13.93 -9.10 23.00
CA VAL A 229 -15.05 -8.43 22.35
C VAL A 229 -14.54 -7.72 21.09
N ASP A 230 -14.58 -8.44 19.97
CA ASP A 230 -14.03 -7.99 18.68
C ASP A 230 -15.25 -7.62 17.84
N VAL A 231 -15.65 -6.35 17.90
CA VAL A 231 -17.00 -5.96 17.48
C VAL A 231 -17.18 -5.73 15.99
N PRO A 232 -18.44 -5.82 15.52
CA PRO A 232 -18.77 -5.35 14.18
C PRO A 232 -18.36 -3.89 14.16
N CYS A 233 -17.88 -3.40 13.02
CA CYS A 233 -17.38 -2.02 12.93
C CYS A 233 -17.35 -1.64 11.46
N THR A 234 -16.82 -0.46 11.12
CA THR A 234 -16.86 -0.04 9.71
C THR A 234 -15.83 -0.80 8.88
N THR A 235 -15.10 -1.70 9.54
CA THR A 235 -14.18 -2.65 8.88
C THR A 235 -13.42 -1.95 7.73
N ASP A 236 -12.68 -0.89 8.11
CA ASP A 236 -12.16 0.11 7.16
C ASP A 236 -11.53 -0.45 5.88
N ARG A 237 -10.60 -1.40 6.04
CA ARG A 237 -9.89 -1.90 4.87
C ARG A 237 -10.83 -2.63 3.90
N HIS A 238 -11.59 -3.57 4.44
CA HIS A 238 -12.55 -4.35 3.65
C HIS A 238 -13.55 -3.43 2.95
N SER A 239 -13.99 -2.39 3.65
CA SER A 239 -14.96 -1.43 3.09
C SER A 239 -14.41 -0.63 1.92
N LEU A 240 -13.09 -0.59 1.78
CA LEU A 240 -12.46 0.10 0.65
C LEU A 240 -12.29 -0.82 -0.55
N HIS A 241 -12.51 -2.12 -0.36
CA HIS A 241 -12.19 -3.11 -1.41
C HIS A 241 -13.38 -3.94 -1.88
N GLU A 242 -14.37 -4.12 -1.01
CA GLU A 242 -15.51 -4.96 -1.34
C GLU A 242 -16.79 -4.13 -1.43
N GLU A 243 -17.37 -4.09 -2.62
CA GLU A 243 -18.57 -3.31 -2.86
C GLU A 243 -19.82 -4.00 -2.30
N GLU A 244 -19.80 -5.34 -2.28
CA GLU A 244 -20.98 -6.10 -1.88
C GLU A 244 -21.24 -6.09 -0.38
N ASN A 245 -22.48 -5.79 -0.01
CA ASN A 245 -22.89 -5.65 1.38
CA ASN A 245 -22.89 -5.66 1.38
C ASN A 245 -21.97 -4.72 2.15
N ASN A 246 -21.62 -3.61 1.51
CA ASN A 246 -20.74 -2.62 2.09
C ASN A 246 -21.50 -1.79 3.12
N ILE A 247 -20.91 -1.65 4.30
CA ILE A 247 -21.50 -0.88 5.41
C ILE A 247 -21.76 0.59 5.03
N PHE A 248 -21.09 1.07 3.98
CA PHE A 248 -21.28 2.44 3.51
C PHE A 248 -22.36 2.59 2.44
N LYS A 249 -23.05 1.51 2.09
CA LYS A 249 -24.18 1.59 1.16
C LYS A 249 -25.24 2.51 1.73
N ARG A 250 -25.96 3.22 0.86
CA ARG A 250 -27.05 4.09 1.29
C ARG A 250 -28.06 3.32 2.13
N SER A 251 -28.27 2.07 1.75
CA SER A 251 -29.22 1.18 2.42
C SER A 251 -28.87 0.87 3.89
N ARG A 252 -27.62 1.11 4.30
CA ARG A 252 -27.20 0.78 5.65
C ARG A 252 -26.77 1.98 6.50
N LYS A 253 -27.15 3.19 6.09
CA LYS A 253 -26.66 4.41 6.76
C LYS A 253 -27.07 4.50 8.23
N LYS A 254 -28.32 4.17 8.52
CA LYS A 254 -28.80 4.16 9.90
C LYS A 254 -27.99 3.18 10.70
N GLU A 255 -27.88 1.97 10.17
CA GLU A 255 -27.10 0.90 10.78
C GLU A 255 -25.66 1.35 11.03
N ARG A 256 -25.06 1.97 10.03
CA ARG A 256 -23.68 2.44 10.13
C ARG A 256 -23.52 3.46 11.26
N GLN A 257 -24.41 4.42 11.33
CA GLN A 257 -24.29 5.51 12.30
C GLN A 257 -24.55 5.10 13.76
N ILE A 258 -25.27 4.00 13.94
CA ILE A 258 -25.62 3.53 15.27
C ILE A 258 -24.58 2.52 15.77
N LEU A 259 -23.57 2.24 14.95
CA LEU A 259 -22.54 1.27 15.34
C LEU A 259 -21.92 1.48 16.73
N PRO A 260 -21.53 2.72 17.08
CA PRO A 260 -20.90 2.88 18.40
C PRO A 260 -21.86 2.54 19.55
N VAL A 261 -23.15 2.80 19.37
CA VAL A 261 -24.14 2.36 20.37
C VAL A 261 -24.11 0.83 20.50
N LEU A 262 -24.17 0.12 19.37
CA LEU A 262 -24.07 -1.34 19.39
C LEU A 262 -22.76 -1.81 20.01
N GLN A 263 -21.67 -1.15 19.65
CA GLN A 263 -20.35 -1.53 20.16
C GLN A 263 -20.24 -1.37 21.69
N VAL A 264 -20.77 -0.26 22.21
CA VAL A 264 -20.82 -0.09 23.66
C VAL A 264 -21.66 -1.19 24.35
N GLN A 265 -22.81 -1.53 23.76
CA GLN A 265 -23.68 -2.55 24.34
C GLN A 265 -22.98 -3.90 24.39
N LEU A 266 -22.27 -4.22 23.31
CA LEU A 266 -21.48 -5.45 23.26
C LEU A 266 -20.33 -5.48 24.27
N LEU A 267 -19.56 -4.39 24.39
CA LEU A 267 -18.45 -4.37 25.36
C LEU A 267 -18.99 -4.44 26.80
N ALA A 268 -20.04 -3.67 27.07
CA ALA A 268 -20.71 -3.68 28.37
C ALA A 268 -21.15 -5.12 28.72
N ALA A 269 -21.79 -5.81 27.78
CA ALA A 269 -22.19 -7.19 28.02
C ALA A 269 -20.98 -8.08 28.33
N GLY A 270 -19.90 -7.90 27.58
CA GLY A 270 -18.68 -8.68 27.77
C GLY A 270 -18.14 -8.50 29.18
N LEU A 271 -18.13 -7.25 29.62
CA LEU A 271 -17.75 -6.93 30.98
C LEU A 271 -18.69 -7.54 32.03
N LEU A 272 -20.00 -7.49 31.78
CA LEU A 272 -20.95 -8.08 32.73
C LEU A 272 -20.75 -9.58 32.86
N ALA A 273 -20.30 -10.20 31.78
CA ALA A 273 -20.07 -11.66 31.73
C ALA A 273 -18.74 -12.06 32.39
N THR A 274 -17.92 -11.06 32.69
CA THR A 274 -16.59 -11.29 33.26
C THR A 274 -16.68 -11.41 34.78
N LYS A 275 -15.95 -12.38 35.36
CA LYS A 275 -15.86 -12.45 36.83
C LYS A 275 -15.23 -11.16 37.36
N PRO A 276 -15.67 -10.70 38.55
CA PRO A 276 -14.88 -9.69 39.26
C PRO A 276 -13.41 -10.11 39.30
N GLY A 277 -12.52 -9.21 38.93
CA GLY A 277 -11.11 -9.52 38.89
C GLY A 277 -10.64 -9.97 37.51
N GLY A 278 -11.59 -10.37 36.65
CA GLY A 278 -11.24 -10.88 35.33
C GLY A 278 -10.91 -9.79 34.31
N HIS A 279 -10.54 -10.19 33.09
CA HIS A 279 -10.03 -9.24 32.10
C HIS A 279 -10.74 -9.35 30.77
N VAL A 280 -10.79 -8.22 30.08
CA VAL A 280 -11.48 -8.10 28.82
C VAL A 280 -10.61 -7.37 27.82
N VAL A 281 -10.59 -7.85 26.58
CA VAL A 281 -10.00 -7.09 25.49
C VAL A 281 -11.09 -6.73 24.48
N TYR A 282 -11.23 -5.44 24.25
CA TYR A 282 -12.11 -4.91 23.23
C TYR A 282 -11.26 -4.68 22.00
N SER A 283 -11.72 -5.09 20.83
CA SER A 283 -10.99 -4.75 19.62
C SER A 283 -11.90 -4.39 18.45
N THR A 284 -11.37 -3.56 17.54
CA THR A 284 -12.03 -3.29 16.27
C THR A 284 -11.00 -3.30 15.16
N CYS A 285 -11.45 -3.35 13.91
CA CYS A 285 -10.57 -3.13 12.78
C CYS A 285 -10.94 -1.83 12.07
N SER A 286 -11.18 -0.80 12.89
CA SER A 286 -11.43 0.56 12.39
C SER A 286 -10.40 1.54 12.97
N LEU A 287 -10.09 2.58 12.21
CA LEU A 287 -9.20 3.65 12.67
C LEU A 287 -9.94 4.72 13.45
N SER A 288 -11.26 4.58 13.55
CA SER A 288 -12.10 5.70 14.03
C SER A 288 -12.15 5.80 15.55
N HIS A 289 -11.81 6.95 16.11
CA HIS A 289 -11.91 7.08 17.56
C HIS A 289 -13.34 6.92 18.09
N LEU A 290 -14.35 7.18 17.25
CA LEU A 290 -15.75 7.04 17.67
C LEU A 290 -16.11 5.57 17.93
N GLN A 291 -15.35 4.67 17.31
CA GLN A 291 -15.59 3.23 17.51
C GLN A 291 -14.59 2.56 18.45
N ASN A 292 -13.59 3.32 18.86
CA ASN A 292 -12.44 2.78 19.58
C ASN A 292 -12.45 3.33 21.01
N GLU A 293 -11.66 4.38 21.28
CA GLU A 293 -11.58 4.99 22.61
C GLU A 293 -12.96 5.36 23.12
N TYR A 294 -13.80 5.92 22.25
CA TYR A 294 -15.12 6.40 22.70
C TYR A 294 -15.99 5.27 23.20
N VAL A 295 -15.87 4.10 22.58
CA VAL A 295 -16.67 2.96 23.00
C VAL A 295 -16.19 2.42 24.35
N VAL A 296 -14.89 2.27 24.50
CA VAL A 296 -14.29 1.87 25.78
C VAL A 296 -14.78 2.77 26.91
N GLN A 297 -14.70 4.08 26.69
CA GLN A 297 -15.15 5.04 27.66
C GLN A 297 -16.67 4.94 27.89
N GLY A 298 -17.43 4.76 26.81
CA GLY A 298 -18.87 4.64 26.96
C GLY A 298 -19.28 3.42 27.78
N ALA A 299 -18.62 2.29 27.56
CA ALA A 299 -18.97 1.08 28.29
C ALA A 299 -18.62 1.18 29.77
N ILE A 300 -17.44 1.70 30.06
CA ILE A 300 -17.01 1.88 31.44
C ILE A 300 -17.96 2.80 32.20
N GLU A 301 -18.37 3.89 31.56
CA GLU A 301 -19.33 4.82 32.15
CA GLU A 301 -19.32 4.81 32.18
C GLU A 301 -20.68 4.15 32.39
N LEU A 302 -21.11 3.37 31.41
CA LEU A 302 -22.38 2.65 31.51
C LEU A 302 -22.34 1.68 32.70
N LEU A 303 -21.27 0.91 32.81
CA LEU A 303 -21.13 -0.02 33.93
C LEU A 303 -21.08 0.66 35.29
N ALA A 304 -20.37 1.78 35.39
CA ALA A 304 -20.35 2.51 36.66
C ALA A 304 -21.72 3.04 36.99
N ASN A 305 -22.38 3.65 36.01
CA ASN A 305 -23.61 4.37 36.30
C ASN A 305 -24.82 3.46 36.46
N GLN A 306 -24.86 2.36 35.72
CA GLN A 306 -26.04 1.52 35.69
C GLN A 306 -25.90 0.33 36.65
N TYR A 307 -24.67 -0.12 36.89
CA TYR A 307 -24.44 -1.36 37.64
C TYR A 307 -23.54 -1.17 38.85
N SER A 308 -23.00 0.03 39.03
CA SER A 308 -22.03 0.30 40.09
C SER A 308 -20.85 -0.68 40.02
N ILE A 309 -20.39 -0.96 38.80
CA ILE A 309 -19.24 -1.83 38.59
C ILE A 309 -18.07 -0.98 38.11
N GLN A 310 -16.90 -1.16 38.73
CA GLN A 310 -15.72 -0.39 38.39
C GLN A 310 -14.86 -1.19 37.43
N VAL A 311 -14.47 -0.55 36.33
CA VAL A 311 -13.68 -1.20 35.29
C VAL A 311 -12.42 -0.34 35.12
N GLN A 312 -11.26 -0.98 35.12
CA GLN A 312 -10.04 -0.21 34.96
CA GLN A 312 -9.99 -0.28 35.01
C GLN A 312 -9.33 -0.57 33.66
N VAL A 313 -8.95 0.46 32.91
CA VAL A 313 -8.23 0.24 31.66
C VAL A 313 -6.81 -0.14 32.05
N GLU A 314 -6.29 -1.21 31.45
CA GLU A 314 -4.92 -1.62 31.76
C GLU A 314 -3.94 -1.02 30.73
N ASP A 315 -2.76 -0.66 31.21
CA ASP A 315 -1.77 0.01 30.39
C ASP A 315 -1.03 -1.02 29.49
N LEU A 316 -1.23 -0.94 28.17
CA LEU A 316 -0.49 -1.81 27.25
C LEU A 316 0.77 -1.14 26.61
N THR A 317 1.29 -0.10 27.25
CA THR A 317 2.47 0.57 26.72
C THR A 317 3.67 -0.36 26.49
N HIS A 318 4.01 -1.17 27.49
CA HIS A 318 5.17 -2.05 27.35
C HIS A 318 4.91 -3.07 26.23
N PHE A 319 3.67 -3.55 26.18
CA PHE A 319 3.23 -4.52 25.17
C PHE A 319 3.42 -3.93 23.78
N ARG A 320 2.96 -2.69 23.58
CA ARG A 320 3.15 -1.99 22.30
C ARG A 320 4.61 -1.87 21.93
N ARG A 321 5.42 -1.41 22.88
CA ARG A 321 6.84 -1.18 22.61
C ARG A 321 7.57 -2.43 22.15
N VAL A 322 7.25 -3.57 22.76
CA VAL A 322 7.87 -4.83 22.39
CA VAL A 322 7.93 -4.80 22.36
C VAL A 322 7.52 -5.23 20.95
N PHE A 323 6.27 -4.97 20.55
CA PHE A 323 5.82 -5.31 19.20
C PHE A 323 6.09 -4.27 18.11
N ASP A 325 8.76 -3.66 16.67
CA ASP A 325 9.66 -4.18 15.64
C ASP A 325 8.90 -4.73 14.43
N THR A 326 7.64 -5.09 14.65
CA THR A 326 6.80 -5.70 13.62
C THR A 326 5.67 -4.79 13.09
N PHE A 327 5.07 -3.98 13.97
CA PHE A 327 3.89 -3.19 13.59
C PHE A 327 4.16 -1.72 13.78
N CYS A 328 3.52 -0.89 12.96
CA CYS A 328 3.46 0.56 13.23
C CYS A 328 2.25 0.83 14.11
N PHE A 329 2.42 1.70 15.11
CA PHE A 329 1.36 1.99 16.07
C PHE A 329 1.11 3.49 16.06
N PHE A 330 -0.13 3.88 16.36
CA PHE A 330 -0.45 5.28 16.57
C PHE A 330 -0.35 5.46 18.09
N SER A 331 0.70 6.15 18.50
CA SER A 331 1.12 6.18 19.90
C SER A 331 0.34 7.13 20.83
N SER A 332 -0.47 8.02 20.24
CA SER A 332 -1.22 9.00 21.03
C SER A 332 -2.67 8.58 21.33
N CYS A 333 -2.91 7.27 21.40
N CYS A 333 -2.90 7.27 21.50
CA CYS A 333 -4.22 6.73 21.79
CA CYS A 333 -4.19 6.71 21.86
C CYS A 333 -4.50 6.99 23.27
C CYS A 333 -4.50 7.02 23.31
N GLN A 334 -5.59 7.70 23.57
CA GLN A 334 -5.98 8.04 24.96
C GLN A 334 -5.99 6.78 25.84
N VAL A 335 -6.77 5.80 25.41
CA VAL A 335 -6.78 4.50 26.08
C VAL A 335 -6.64 3.49 24.97
N GLY A 336 -6.04 2.34 25.26
CA GLY A 336 -5.95 1.30 24.24
C GLY A 336 -4.76 1.53 23.30
N GLU A 337 -4.61 0.68 22.29
CA GLU A 337 -3.52 0.83 21.33
C GLU A 337 -4.09 0.64 19.93
N LEU A 338 -3.38 1.12 18.92
CA LEU A 338 -3.84 1.08 17.54
C LEU A 338 -2.72 0.74 16.57
N VAL A 339 -2.84 -0.41 15.91
CA VAL A 339 -1.95 -0.71 14.81
C VAL A 339 -2.44 0.04 13.59
N ILE A 340 -1.56 0.81 12.97
CA ILE A 340 -1.89 1.47 11.72
C ILE A 340 -1.16 0.84 10.53
N PRO A 341 -1.86 0.74 9.40
CA PRO A 341 -1.31 0.30 8.12
C PRO A 341 -0.13 1.17 7.72
N ASN A 342 0.97 0.53 7.30
CA ASN A 342 2.10 1.26 6.75
C ASN A 342 2.67 0.36 5.64
N LEU A 343 3.24 0.93 4.58
CA LEU A 343 3.75 0.08 3.48
C LEU A 343 4.85 -0.90 3.92
N ALA A 345 4.87 -2.34 6.76
CA ALA A 345 4.20 -3.35 7.57
C ALA A 345 2.68 -3.20 7.45
N ASN A 346 2.15 -3.68 6.33
CA ASN A 346 0.76 -3.38 5.99
C ASN A 346 -0.23 -4.25 6.75
N PHE A 347 -0.22 -4.12 8.07
CA PHE A 347 -1.13 -4.83 8.95
C PHE A 347 -2.23 -3.93 9.50
N GLY A 348 -3.25 -4.52 10.09
CA GLY A 348 -4.30 -3.70 10.66
C GLY A 348 -5.13 -3.03 9.57
N PRO A 349 -5.93 -2.00 9.93
CA PRO A 349 -6.08 -1.34 11.24
C PRO A 349 -6.50 -2.33 12.31
N TYR A 351 -7.46 -1.89 16.49
CA TYR A 351 -7.54 -1.17 17.75
C TYR A 351 -7.74 -2.21 18.83
N PHE A 352 -7.07 -2.08 19.98
CA PHE A 352 -7.31 -3.01 21.08
C PHE A 352 -7.05 -2.37 22.42
N CYS A 353 -7.90 -2.73 23.40
CA CYS A 353 -7.83 -2.13 24.71
C CYS A 353 -8.11 -3.22 25.73
N LYS A 354 -7.21 -3.37 26.68
CA LYS A 354 -7.35 -4.37 27.72
C LYS A 354 -7.89 -3.69 28.96
N ARG A 356 -9.74 -4.47 33.17
CA ARG A 356 -10.03 -5.43 34.20
C ARG A 356 -11.29 -5.00 34.91
N ARG A 357 -12.19 -5.95 35.14
CA ARG A 357 -13.33 -5.70 36.01
C ARG A 357 -12.89 -5.79 37.46
N LEU A 358 -13.02 -4.68 38.21
CA LEU A 358 -12.51 -4.62 39.56
C LEU A 358 -13.54 -5.10 40.56
N THR A 359 -14.80 -4.80 40.26
CA THR A 359 -15.90 -5.19 41.13
C THR A 359 -16.98 -5.92 40.32
N UNK B 3 43.25 19.35 -49.90
CA UNK B 3 43.38 20.81 -49.92
C UNK B 3 42.81 21.42 -48.66
N UNK B 4 43.63 21.51 -47.62
CA UNK B 4 43.19 22.00 -46.32
C UNK B 4 42.76 23.47 -46.36
N UNK B 5 43.09 24.15 -47.45
CA UNK B 5 42.59 25.51 -47.68
C UNK B 5 41.14 25.45 -48.15
N UNK B 6 40.86 24.54 -49.07
CA UNK B 6 39.51 24.37 -49.61
C UNK B 6 38.52 23.88 -48.55
N UNK B 7 39.06 23.50 -47.39
CA UNK B 7 38.24 23.09 -46.25
C UNK B 7 38.25 24.16 -45.16
N UNK B 8 39.42 24.42 -44.58
CA UNK B 8 39.54 25.32 -43.43
C UNK B 8 39.12 26.75 -43.74
N UNK B 9 38.99 27.10 -45.01
CA UNK B 9 38.43 28.39 -45.37
C UNK B 9 36.97 28.43 -44.98
N UNK B 10 36.22 27.42 -45.44
CA UNK B 10 34.79 27.33 -45.15
C UNK B 10 34.54 27.01 -43.67
N UNK B 11 35.46 26.26 -43.06
CA UNK B 11 35.31 25.82 -41.68
C UNK B 11 35.64 26.92 -40.66
N UNK B 12 36.71 27.66 -40.92
CA UNK B 12 37.11 28.74 -40.02
C UNK B 12 36.30 30.02 -40.24
N UNK B 13 35.77 30.19 -41.45
CA UNK B 13 34.86 31.30 -41.73
C UNK B 13 33.54 31.03 -41.00
N UNK B 14 33.13 29.77 -41.04
CA UNK B 14 32.07 29.28 -40.17
C UNK B 14 32.70 29.06 -38.80
N UNK B 15 31.98 28.44 -37.88
CA UNK B 15 32.50 28.34 -36.53
C UNK B 15 33.30 27.06 -36.27
N UNK B 16 34.61 27.23 -36.13
CA UNK B 16 35.47 26.25 -35.51
C UNK B 16 36.27 27.03 -34.47
N UNK B 17 36.00 26.78 -33.19
CA UNK B 17 36.50 27.64 -32.12
C UNK B 17 38.02 27.65 -32.05
N UNK B 18 38.61 26.47 -31.84
CA UNK B 18 40.06 26.31 -31.85
C UNK B 18 40.37 25.36 -32.99
N UNK B 19 41.65 24.99 -33.13
CA UNK B 19 42.01 23.93 -34.08
C UNK B 19 41.19 22.71 -33.69
N UNK B 20 41.41 22.23 -32.46
CA UNK B 20 40.42 21.44 -31.72
C UNK B 20 39.74 20.32 -32.49
N UNK B 21 38.42 20.43 -32.60
CA UNK B 21 37.57 19.43 -33.24
C UNK B 21 37.87 19.23 -34.73
N UNK B 22 38.64 20.14 -35.32
CA UNK B 22 39.10 19.96 -36.69
C UNK B 22 40.23 18.94 -36.68
N UNK B 23 41.09 19.04 -35.66
CA UNK B 23 42.15 18.06 -35.46
C UNK B 23 41.53 16.74 -35.01
N UNK B 24 40.37 16.82 -34.39
CA UNK B 24 39.62 15.64 -34.01
C UNK B 24 38.94 15.04 -35.22
N UNK B 25 38.58 15.90 -36.18
CA UNK B 25 38.00 15.45 -37.44
C UNK B 25 39.03 14.69 -38.24
N UNK B 26 40.28 15.18 -38.21
CA UNK B 26 41.39 14.48 -38.85
C UNK B 26 41.69 13.21 -38.08
N UNK B 27 41.43 13.24 -36.78
CA UNK B 27 41.69 12.09 -35.90
C UNK B 27 40.69 10.97 -36.15
N UNK B 28 39.42 11.34 -36.31
CA UNK B 28 38.34 10.37 -36.52
C UNK B 28 38.61 9.42 -37.68
N GLN B 31 35.85 14.72 -48.14
CA GLN B 31 34.79 15.30 -48.96
C GLN B 31 33.42 15.05 -48.32
N GLN B 32 33.37 14.08 -47.42
CA GLN B 32 32.17 13.83 -46.64
C GLN B 32 32.29 14.54 -45.30
N LEU B 33 33.52 14.99 -45.00
CA LEU B 33 33.80 15.69 -43.76
C LEU B 33 33.51 17.18 -43.87
N LEU B 34 32.84 17.58 -44.95
CA LEU B 34 32.51 18.99 -45.16
C LEU B 34 31.07 19.18 -45.64
N ASP B 35 30.58 18.25 -46.44
CA ASP B 35 29.22 18.35 -46.99
C ASP B 35 28.16 18.05 -45.93
N ILE B 36 28.60 17.61 -44.76
CA ILE B 36 27.69 17.23 -43.68
C ILE B 36 27.46 18.34 -42.66
N ILE B 37 28.55 19.02 -42.28
CA ILE B 37 28.45 20.13 -41.34
C ILE B 37 27.70 21.29 -41.98
N SER B 38 27.63 21.26 -43.30
CA SER B 38 26.82 22.21 -44.06
C SER B 38 25.33 21.91 -43.88
N GLU B 39 24.97 20.64 -43.99
CA GLU B 39 23.61 20.19 -43.75
C GLU B 39 23.21 20.54 -42.32
N PHE B 40 24.15 20.37 -41.39
CA PHE B 40 23.96 20.77 -40.01
C PHE B 40 23.89 22.31 -39.85
N ILE B 41 24.74 23.02 -40.59
CA ILE B 41 24.67 24.48 -40.64
C ILE B 41 23.29 24.97 -41.05
N LEU B 42 22.75 24.38 -42.12
CA LEU B 42 21.40 24.70 -42.59
C LEU B 42 20.32 24.28 -41.58
N LEU B 43 20.51 23.10 -40.97
CA LEU B 43 19.68 22.69 -39.84
C LEU B 43 19.72 23.89 -38.92
N GLY B 44 20.92 24.34 -38.60
CA GLY B 44 21.10 25.58 -37.89
C GLY B 44 21.58 25.51 -36.46
N LEU B 45 21.87 26.69 -35.92
CA LEU B 45 22.49 26.83 -34.60
C LEU B 45 23.74 25.97 -34.47
N ASN B 46 23.84 25.29 -33.33
CA ASN B 46 24.91 24.33 -33.06
C ASN B 46 26.33 24.71 -33.51
N PRO B 47 26.81 25.92 -33.16
CA PRO B 47 28.21 26.20 -33.53
C PRO B 47 29.19 25.36 -32.71
N GLU B 48 28.93 25.24 -31.41
CA GLU B 48 29.72 24.38 -30.54
C GLU B 48 29.06 23.00 -30.36
N PRO B 49 27.72 22.96 -30.23
CA PRO B 49 27.04 21.66 -30.28
C PRO B 49 27.36 20.78 -31.50
N VAL B 50 27.70 21.37 -32.66
CA VAL B 50 28.04 20.55 -33.83
C VAL B 50 29.30 19.72 -33.55
N CYS B 51 30.24 20.32 -32.85
CA CYS B 51 31.45 19.62 -32.44
C CYS B 51 31.11 18.59 -31.36
N VAL B 52 30.20 18.96 -30.46
CA VAL B 52 29.78 18.09 -29.37
C VAL B 52 29.13 16.80 -29.87
N VAL B 53 28.27 16.95 -30.88
CA VAL B 53 27.57 15.80 -31.45
C VAL B 53 28.35 15.16 -32.60
N LEU B 54 29.46 15.78 -32.99
CA LEU B 54 30.38 15.15 -33.93
C LEU B 54 31.22 14.16 -33.13
N LYS B 55 31.51 14.54 -31.89
CA LYS B 55 32.24 13.68 -30.96
C LYS B 55 31.34 12.53 -30.51
N LYS B 56 30.05 12.83 -30.34
CA LYS B 56 29.08 11.82 -29.94
C LYS B 56 28.44 11.19 -31.17
N SER B 57 28.73 9.91 -31.41
CA SER B 57 28.32 9.23 -32.63
C SER B 57 28.87 9.89 -33.90
N PRO B 58 30.18 9.71 -34.16
CA PRO B 58 30.87 10.27 -35.33
C PRO B 58 30.33 9.68 -36.63
N GLN B 59 29.38 8.76 -36.50
CA GLN B 59 28.77 8.06 -37.62
C GLN B 59 28.23 8.99 -38.71
N LEU B 60 27.87 10.21 -38.32
CA LEU B 60 27.38 11.22 -39.26
C LEU B 60 28.36 11.43 -40.41
N LEU B 61 29.65 11.24 -40.13
CA LEU B 61 30.68 11.32 -41.16
C LEU B 61 30.52 10.19 -42.17
N LYS B 62 30.16 9.01 -41.67
CA LYS B 62 29.98 7.83 -42.52
C LYS B 62 28.70 7.93 -43.34
N LEU B 63 27.76 8.75 -42.88
CA LEU B 63 26.47 8.92 -43.55
C LEU B 63 26.61 9.56 -44.93
N PRO B 64 26.02 8.92 -45.95
CA PRO B 64 25.98 9.42 -47.33
C PRO B 64 25.17 10.70 -47.44
N ILE B 65 25.69 11.68 -48.17
CA ILE B 65 25.09 13.02 -48.22
C ILE B 65 23.73 13.05 -48.93
N MET B 66 23.55 12.19 -49.93
CA MET B 66 22.25 12.04 -50.56
C MET B 66 21.20 11.64 -49.53
N GLN B 67 21.52 10.62 -48.75
CA GLN B 67 20.63 10.16 -47.69
C GLN B 67 20.47 11.20 -46.58
N MET B 68 21.58 11.82 -46.19
CA MET B 68 21.56 12.83 -45.12
C MET B 68 20.74 14.07 -45.49
N ARG B 69 20.95 14.59 -46.69
CA ARG B 69 20.24 15.78 -47.15
C ARG B 69 18.75 15.50 -47.28
N LYS B 70 18.42 14.26 -47.67
CA LYS B 70 17.03 13.83 -47.71
C LYS B 70 16.46 13.85 -46.30
N ARG B 71 17.26 13.38 -45.35
CA ARG B 71 16.88 13.33 -43.94
C ARG B 71 16.74 14.73 -43.36
N SER B 72 17.54 15.67 -43.87
CA SER B 72 17.50 17.05 -43.38
C SER B 72 16.29 17.82 -43.89
N SER B 73 15.96 17.62 -45.17
CA SER B 73 14.76 18.21 -45.74
C SER B 73 13.54 17.62 -45.05
N TYR B 74 13.64 16.34 -44.72
CA TYR B 74 12.57 15.64 -44.01
C TYR B 74 12.30 16.24 -42.62
N LEU B 75 13.36 16.44 -41.83
CA LEU B 75 13.21 16.96 -40.48
C LEU B 75 12.74 18.42 -40.48
N GLN B 76 13.22 19.18 -41.46
CA GLN B 76 12.82 20.58 -41.63
C GLN B 76 11.32 20.69 -41.93
N LYS B 77 10.79 19.70 -42.66
CA LYS B 77 9.38 19.64 -43.01
C LYS B 77 8.52 19.29 -41.80
N LEU B 78 9.16 18.67 -40.80
CA LEU B 78 8.47 18.28 -39.58
C LEU B 78 8.47 19.44 -38.60
N GLY B 79 9.30 20.45 -38.90
CA GLY B 79 9.36 21.63 -38.07
C GLY B 79 10.64 21.70 -37.25
N LEU B 80 11.55 20.77 -37.50
CA LEU B 80 12.83 20.75 -36.78
C LEU B 80 13.78 21.82 -37.33
N GLY B 81 13.32 22.50 -38.38
CA GLY B 81 13.97 23.68 -38.92
C GLY B 81 13.04 24.87 -38.77
N GLU B 82 13.51 26.02 -38.28
CA GLU B 82 14.92 26.30 -37.95
C GLU B 82 15.47 25.37 -36.87
N GLY B 83 16.71 24.93 -37.07
CA GLY B 83 17.31 23.90 -36.24
C GLY B 83 17.38 24.21 -34.77
N LYS B 84 17.90 23.25 -34.04
CA LYS B 84 17.73 23.11 -32.59
C LYS B 84 16.31 22.61 -32.26
N LEU B 85 16.02 21.30 -32.35
CA LEU B 85 16.88 20.21 -32.89
C LEU B 85 18.26 20.07 -32.22
N LYS B 86 18.37 20.59 -31.01
CA LYS B 86 19.65 20.68 -30.32
C LYS B 86 19.79 19.50 -29.38
N ARG B 87 18.84 19.38 -28.45
CA ARG B 87 18.83 18.29 -27.50
C ARG B 87 18.54 16.98 -28.22
N VAL B 88 17.85 17.08 -29.36
CA VAL B 88 17.46 15.90 -30.11
C VAL B 88 18.67 15.10 -30.57
N LEU B 89 19.58 15.73 -31.31
CA LEU B 89 20.76 15.05 -31.80
C LEU B 89 21.74 14.72 -30.67
N TYR B 90 21.60 15.43 -29.55
CA TYR B 90 22.45 15.19 -28.39
C TYR B 90 22.13 13.84 -27.70
N CYS B 91 20.84 13.58 -27.47
CA CYS B 91 20.43 12.38 -26.78
C CYS B 91 19.81 11.34 -27.72
N CYS B 92 19.57 11.73 -28.96
CA CYS B 92 19.05 10.80 -29.97
C CYS B 92 19.71 11.03 -31.33
N PRO B 93 20.98 10.57 -31.47
CA PRO B 93 21.72 10.70 -32.73
C PRO B 93 21.12 9.80 -33.80
N GLU B 94 20.44 8.75 -33.34
CA GLU B 94 19.84 7.74 -34.21
C GLU B 94 18.85 8.32 -35.21
N ILE B 95 18.33 9.51 -34.93
CA ILE B 95 17.33 10.16 -35.77
C ILE B 95 17.80 10.34 -37.23
N PHE B 96 19.10 10.54 -37.42
CA PHE B 96 19.64 10.75 -38.76
C PHE B 96 20.10 9.45 -39.42
N THR B 97 20.05 8.36 -38.66
CA THR B 97 20.53 7.07 -39.18
C THR B 97 19.46 5.98 -39.10
N MET B 98 18.36 6.25 -38.41
CA MET B 98 17.32 5.24 -38.25
C MET B 98 16.39 5.19 -39.45
N ARG B 99 15.55 4.15 -39.49
CA ARG B 99 14.58 3.97 -40.54
C ARG B 99 13.59 5.15 -40.56
N GLN B 100 13.37 5.70 -41.75
CA GLN B 100 12.46 6.84 -41.89
C GLN B 100 11.05 6.47 -41.42
N GLN B 101 10.65 5.23 -41.70
CA GLN B 101 9.32 4.75 -41.32
C GLN B 101 9.04 4.90 -39.84
N ASP B 102 10.08 4.74 -39.02
CA ASP B 102 9.98 4.96 -37.59
C ASP B 102 9.44 6.35 -37.29
N ILE B 103 10.12 7.36 -37.81
CA ILE B 103 9.76 8.74 -37.59
C ILE B 103 8.35 9.03 -38.08
N ASN B 104 8.06 8.62 -39.31
CA ASN B 104 6.74 8.87 -39.90
C ASN B 104 5.61 8.16 -39.15
N ASP B 105 5.90 6.96 -38.65
CA ASP B 105 4.91 6.20 -37.88
C ASP B 105 4.61 6.85 -36.54
N THR B 106 5.63 7.47 -35.94
CA THR B 106 5.45 8.16 -34.68
C THR B 106 4.59 9.39 -34.91
N VAL B 107 4.89 10.12 -35.99
CA VAL B 107 4.12 11.28 -36.39
C VAL B 107 2.68 10.90 -36.69
N ARG B 108 2.50 9.80 -37.42
CA ARG B 108 1.16 9.33 -37.79
C ARG B 108 0.40 8.78 -36.60
N LEU B 109 1.12 8.49 -35.52
CA LEU B 109 0.49 8.02 -34.29
C LEU B 109 0.09 9.20 -33.41
N LEU B 110 1.04 10.09 -33.12
CA LEU B 110 0.74 11.32 -32.40
C LEU B 110 -0.43 12.01 -33.10
N LYS B 111 -0.16 12.54 -34.29
CA LYS B 111 -1.23 13.06 -35.13
C LYS B 111 -2.25 11.97 -35.45
N GLU B 112 -3.52 12.28 -35.19
CA GLU B 112 -4.68 11.51 -35.65
C GLU B 112 -5.04 10.21 -34.92
N LYS B 113 -4.10 9.60 -34.20
CA LYS B 113 -4.48 8.65 -33.16
C LYS B 113 -4.71 9.36 -31.83
N CYS B 114 -3.79 10.26 -31.50
CA CYS B 114 -3.80 10.96 -30.24
C CYS B 114 -4.22 12.38 -30.48
N LEU B 115 -4.50 12.67 -31.76
CA LEU B 115 -4.69 14.04 -32.22
C LEU B 115 -3.41 14.92 -32.09
N PHE B 116 -3.44 15.88 -31.16
CA PHE B 116 -2.51 17.05 -31.09
C PHE B 116 -2.49 17.91 -32.35
N THR B 117 -1.31 18.52 -32.57
CA THR B 117 -1.11 19.52 -33.64
C THR B 117 0.27 19.37 -34.25
N VAL B 118 0.37 19.80 -35.50
CA VAL B 118 1.61 19.88 -36.24
C VAL B 118 2.66 20.61 -35.40
N GLN B 119 2.22 21.67 -34.72
CA GLN B 119 3.08 22.40 -33.79
C GLN B 119 3.33 21.60 -32.51
N GLN B 120 2.26 21.02 -31.96
CA GLN B 120 2.39 20.16 -30.79
C GLN B 120 3.27 18.94 -31.09
N VAL B 121 3.09 18.31 -32.24
CA VAL B 121 3.91 17.17 -32.64
C VAL B 121 5.38 17.57 -32.81
N THR B 122 5.62 18.71 -33.44
CA THR B 122 6.99 19.20 -33.62
C THR B 122 7.64 19.49 -32.27
N LYS B 123 6.84 20.01 -31.34
CA LYS B 123 7.33 20.31 -30.00
C LYS B 123 7.75 19.04 -29.26
N ILE B 124 6.88 18.03 -29.28
CA ILE B 124 7.16 16.74 -28.64
C ILE B 124 8.38 16.08 -29.23
N LEU B 125 8.46 16.13 -30.56
CA LEU B 125 9.57 15.53 -31.28
C LEU B 125 10.87 16.19 -30.82
N HIS B 126 10.84 17.50 -30.64
CA HIS B 126 12.03 18.22 -30.22
C HIS B 126 12.39 17.96 -28.77
N SER B 127 11.37 17.84 -27.93
CA SER B 127 11.59 17.73 -26.49
C SER B 127 11.66 16.30 -25.99
N CYS B 128 10.94 15.40 -26.65
CA CYS B 128 10.89 14.01 -26.20
C CYS B 128 11.34 13.04 -27.30
N PRO B 129 12.64 13.08 -27.64
CA PRO B 129 13.18 12.25 -28.73
C PRO B 129 13.06 10.77 -28.38
N SER B 130 12.92 10.48 -27.09
CA SER B 130 12.67 9.14 -26.58
C SER B 130 11.56 8.46 -27.36
N VAL B 131 10.54 9.24 -27.70
CA VAL B 131 9.32 8.76 -28.33
C VAL B 131 9.57 8.00 -29.64
N LEU B 132 10.70 8.28 -30.28
CA LEU B 132 11.09 7.57 -31.51
C LEU B 132 11.65 6.17 -31.22
N ARG B 133 12.20 5.97 -30.04
CA ARG B 133 12.77 4.68 -29.65
C ARG B 133 11.76 3.80 -28.95
N GLU B 134 10.60 4.39 -28.65
CA GLU B 134 9.60 3.71 -27.83
C GLU B 134 8.59 2.96 -28.68
N ASP B 135 8.13 1.81 -28.17
CA ASP B 135 7.13 1.00 -28.86
C ASP B 135 5.89 1.82 -29.15
N LEU B 136 5.46 1.84 -30.41
CA LEU B 136 4.19 2.44 -30.77
C LEU B 136 3.08 1.65 -30.09
N GLY B 137 1.98 2.32 -29.75
CA GLY B 137 0.92 1.64 -29.01
C GLY B 137 1.19 1.66 -27.52
N GLN B 138 2.45 1.43 -27.15
CA GLN B 138 2.91 1.68 -25.78
C GLN B 138 2.89 3.19 -25.64
N LEU B 139 3.29 3.87 -26.71
CA LEU B 139 3.22 5.31 -26.79
C LEU B 139 1.78 5.78 -26.73
N GLU B 140 0.90 5.08 -27.44
CA GLU B 140 -0.52 5.43 -27.47
C GLU B 140 -1.16 5.29 -26.09
N TYR B 141 -0.87 4.18 -25.43
CA TYR B 141 -1.35 3.89 -24.08
C TYR B 141 -0.85 4.93 -23.09
N LYS B 142 0.39 5.38 -23.29
CA LYS B 142 0.99 6.40 -22.42
C LYS B 142 0.27 7.74 -22.58
N PHE B 143 -0.05 8.12 -23.82
CA PHE B 143 -0.86 9.30 -24.05
C PHE B 143 -2.21 9.15 -23.37
N GLN B 144 -2.81 7.98 -23.57
CA GLN B 144 -4.13 7.68 -23.02
C GLN B 144 -4.11 7.76 -21.49
N TYR B 145 -3.01 7.34 -20.90
CA TYR B 145 -2.87 7.40 -19.44
C TYR B 145 -2.84 8.85 -18.98
N ALA B 146 -2.13 9.68 -19.74
CA ALA B 146 -2.05 11.11 -19.44
C ALA B 146 -3.43 11.75 -19.52
N TYR B 147 -4.12 11.48 -20.61
CA TYR B 147 -5.37 12.17 -20.93
C TYR B 147 -6.58 11.64 -20.16
N PHE B 148 -6.74 10.31 -20.14
CA PHE B 148 -7.94 9.71 -19.56
C PHE B 148 -7.83 9.46 -18.06
N ARG B 149 -6.68 9.00 -17.60
CA ARG B 149 -6.55 8.64 -16.20
C ARG B 149 -5.92 9.74 -15.33
N MET B 150 -5.02 10.52 -15.91
CA MET B 150 -4.46 11.65 -15.16
C MET B 150 -5.25 12.93 -15.39
N GLY B 151 -5.97 12.98 -16.50
CA GLY B 151 -6.80 14.12 -16.83
C GLY B 151 -5.97 15.33 -17.23
N ILE B 152 -4.90 15.07 -17.95
CA ILE B 152 -4.08 16.13 -18.50
C ILE B 152 -4.44 16.32 -19.97
N LYS B 153 -4.80 17.54 -20.34
CA LYS B 153 -5.16 17.82 -21.72
C LYS B 153 -3.92 18.10 -22.56
N HIS B 154 -4.09 18.03 -23.88
CA HIS B 154 -3.00 18.10 -24.84
C HIS B 154 -1.92 19.18 -24.58
N PRO B 155 -2.33 20.45 -24.37
CA PRO B 155 -1.31 21.52 -24.21
C PRO B 155 -0.38 21.28 -23.03
N ASP B 156 -0.90 20.73 -21.94
CA ASP B 156 -0.05 20.42 -20.78
C ASP B 156 0.78 19.16 -21.01
N ILE B 157 0.26 18.24 -21.82
CA ILE B 157 0.99 17.02 -22.16
C ILE B 157 2.25 17.35 -22.96
N VAL B 158 2.17 18.42 -23.76
CA VAL B 158 3.34 18.86 -24.51
C VAL B 158 4.19 19.86 -23.71
N LYS B 159 3.54 20.81 -23.05
CA LYS B 159 4.24 21.82 -22.24
C LYS B 159 5.14 21.15 -21.21
N SER B 160 4.55 20.37 -20.32
CA SER B 160 5.32 19.43 -19.54
C SER B 160 5.78 18.40 -20.57
N GLU B 161 7.04 17.99 -20.50
CA GLU B 161 7.55 17.06 -21.50
C GLU B 161 7.20 15.62 -21.14
N TYR B 162 5.93 15.41 -20.83
CA TYR B 162 5.38 14.15 -20.33
C TYR B 162 5.78 12.92 -21.14
N LEU B 163 5.70 13.02 -22.46
CA LEU B 163 5.89 11.84 -23.32
C LEU B 163 7.33 11.31 -23.31
N GLN B 164 8.23 12.06 -22.69
CA GLN B 164 9.63 11.69 -22.54
C GLN B 164 9.86 10.61 -21.47
N TYR B 165 8.95 10.53 -20.51
CA TYR B 165 9.13 9.62 -19.38
C TYR B 165 8.61 8.21 -19.64
N SER B 166 9.29 7.22 -19.07
CA SER B 166 8.81 5.84 -19.16
C SER B 166 7.43 5.75 -18.51
N LEU B 167 6.61 4.87 -19.04
CA LEU B 167 5.27 4.67 -18.53
C LEU B 167 5.31 4.07 -17.12
N THR B 168 6.41 3.38 -16.82
CA THR B 168 6.62 2.86 -15.47
C THR B 168 6.85 3.98 -14.48
N LYS B 169 7.62 4.99 -14.89
CA LYS B 169 7.88 6.14 -14.02
C LYS B 169 6.60 6.91 -13.78
N ILE B 170 5.86 7.14 -14.85
CA ILE B 170 4.56 7.81 -14.76
C ILE B 170 3.61 7.08 -13.81
N LYS B 171 3.37 5.80 -14.03
CA LYS B 171 2.45 5.03 -13.18
C LYS B 171 2.92 4.95 -11.73
N GLN B 172 4.20 4.71 -11.53
CA GLN B 172 4.72 4.61 -10.16
C GLN B 172 4.48 5.89 -9.37
N ARG B 173 4.90 7.02 -9.92
CA ARG B 173 4.77 8.30 -9.22
C ARG B 173 3.33 8.78 -9.16
N HIS B 174 2.58 8.64 -10.24
CA HIS B 174 1.19 9.09 -10.25
C HIS B 174 0.29 8.26 -9.33
N ILE B 175 0.40 6.94 -9.40
CA ILE B 175 -0.49 6.10 -8.62
C ILE B 175 -0.15 6.23 -7.14
N TYR B 176 1.14 6.39 -6.83
CA TYR B 176 1.56 6.66 -5.46
C TYR B 176 0.86 7.91 -4.92
N LEU B 177 0.91 8.99 -5.69
CA LEU B 177 0.29 10.24 -5.29
C LEU B 177 -1.21 10.06 -5.13
N GLU B 178 -1.82 9.33 -6.06
CA GLU B 178 -3.26 9.12 -6.02
C GLU B 178 -3.70 8.37 -4.75
N ARG B 179 -2.95 7.33 -4.38
CA ARG B 179 -3.30 6.54 -3.20
C ARG B 179 -2.95 7.29 -1.92
N LEU B 180 -1.92 8.13 -1.99
CA LEU B 180 -1.60 9.03 -0.87
C LEU B 180 -2.69 10.09 -0.69
N GLY B 181 -3.51 10.27 -1.72
CA GLY B 181 -4.54 11.28 -1.68
C GLY B 181 -4.02 12.63 -2.13
N ARG B 182 -2.80 12.65 -2.69
CA ARG B 182 -2.12 13.89 -3.05
C ARG B 182 -2.25 14.25 -4.53
N TYR B 183 -2.90 13.38 -5.30
CA TYR B 183 -3.23 13.70 -6.68
C TYR B 183 -4.69 13.37 -6.95
N GLN B 184 -5.44 14.35 -7.44
CA GLN B 184 -6.84 14.12 -7.73
C GLN B 184 -7.12 14.29 -9.22
N THR B 185 -7.82 13.32 -9.80
CA THR B 185 -8.22 13.41 -11.20
C THR B 185 -9.21 14.56 -11.34
N PRO B 186 -8.90 15.52 -12.23
CA PRO B 186 -9.79 16.65 -12.55
C PRO B 186 -11.20 16.13 -12.84
N ASP B 187 -12.24 16.83 -12.38
CA ASP B 187 -13.55 16.22 -12.34
C ASP B 187 -14.28 16.27 -13.68
N LYS B 188 -14.84 17.43 -13.99
CA LYS B 188 -15.36 17.73 -15.31
C LYS B 188 -15.15 19.22 -15.45
N LYS B 189 -14.66 19.65 -16.61
CA LYS B 189 -14.11 21.00 -16.80
C LYS B 189 -12.74 21.15 -16.11
N GLY B 190 -12.30 20.09 -15.45
CA GLY B 190 -10.94 20.03 -14.93
C GLY B 190 -10.77 20.61 -13.55
N GLN B 191 -11.80 20.51 -12.72
CA GLN B 191 -11.73 21.01 -11.35
C GLN B 191 -11.34 19.89 -10.38
N THR B 192 -10.39 20.17 -9.50
CA THR B 192 -10.12 19.32 -8.35
C THR B 192 -10.39 20.14 -7.09
N GLN B 193 -10.65 19.44 -5.98
CA GLN B 193 -10.91 20.10 -4.71
C GLN B 193 -9.63 20.70 -4.13
N ILE B 194 -8.50 20.14 -4.55
CA ILE B 194 -7.17 20.57 -4.13
C ILE B 194 -6.29 20.54 -5.38
N PRO B 195 -5.52 21.62 -5.62
CA PRO B 195 -4.96 21.94 -6.94
C PRO B 195 -4.15 20.88 -7.72
N ASN B 196 -3.56 19.90 -7.05
CA ASN B 196 -2.58 18.94 -7.62
C ASN B 196 -1.18 19.53 -7.73
N PRO B 197 -0.15 18.68 -7.66
CA PRO B 197 1.21 19.18 -7.84
C PRO B 197 1.47 19.52 -9.30
N LEU B 198 2.44 20.40 -9.55
CA LEU B 198 2.89 20.67 -10.91
C LEU B 198 3.41 19.37 -11.53
N LEU B 199 3.15 19.17 -12.81
CA LEU B 199 3.57 17.95 -13.49
C LEU B 199 5.08 17.77 -13.42
N LYS B 200 5.82 18.88 -13.46
CA LYS B 200 7.27 18.82 -13.36
C LYS B 200 7.74 18.34 -11.99
N ASP B 201 7.01 18.72 -10.94
CA ASP B 201 7.37 18.32 -9.59
C ASP B 201 7.01 16.86 -9.33
N ILE B 202 6.26 16.28 -10.25
CA ILE B 202 5.95 14.86 -10.21
C ILE B 202 6.96 14.06 -11.03
N LEU B 203 7.16 14.45 -12.28
CA LEU B 203 7.93 13.63 -13.22
C LEU B 203 9.37 14.10 -13.50
N ARG B 204 9.62 15.40 -13.46
CA ARG B 204 10.95 15.91 -13.85
C ARG B 204 12.00 15.73 -12.75
N VAL B 205 11.61 16.02 -11.52
CA VAL B 205 12.54 16.01 -10.39
C VAL B 205 13.08 14.62 -10.08
N SER B 206 14.19 14.57 -9.35
CA SER B 206 14.76 13.29 -8.94
C SER B 206 13.79 12.58 -8.00
N GLU B 207 14.01 11.29 -7.80
CA GLU B 207 13.12 10.53 -6.95
C GLU B 207 13.18 11.07 -5.53
N ALA B 208 14.38 11.40 -5.07
CA ALA B 208 14.58 11.90 -3.71
C ALA B 208 13.82 13.21 -3.48
N GLU B 209 13.80 14.07 -4.48
CA GLU B 209 13.10 15.35 -4.38
C GLU B 209 11.59 15.17 -4.43
N PHE B 210 11.13 14.30 -5.32
CA PHE B 210 9.72 13.93 -5.44
C PHE B 210 9.17 13.43 -4.10
N LEU B 211 9.93 12.56 -3.45
CA LEU B 211 9.51 11.96 -2.19
C LEU B 211 9.61 12.95 -1.04
N ALA B 212 10.56 13.88 -1.13
CA ALA B 212 10.77 14.88 -0.10
C ALA B 212 9.73 15.98 -0.15
N ARG B 213 9.36 16.41 -1.35
CA ARG B 213 8.55 17.62 -1.50
C ARG B 213 7.13 17.40 -2.01
N THR B 214 6.90 16.34 -2.78
CA THR B 214 5.58 16.14 -3.37
C THR B 214 4.81 14.97 -2.76
N ALA B 215 5.40 13.78 -2.80
CA ALA B 215 4.75 12.62 -2.17
C ALA B 215 4.81 12.72 -0.65
N CYS B 216 5.89 13.32 -0.15
CA CYS B 216 6.09 13.52 1.28
C CYS B 216 6.07 12.22 2.07
N THR B 217 6.86 11.24 1.63
CA THR B 217 7.03 9.99 2.37
C THR B 217 8.50 9.62 2.38
N SER B 218 8.84 8.60 3.14
CA SER B 218 10.21 8.08 3.16
C SER B 218 10.50 7.38 1.85
N VAL B 219 11.78 7.16 1.57
CA VAL B 219 12.19 6.45 0.37
C VAL B 219 11.88 4.95 0.46
N GLU B 220 12.01 4.37 1.66
CA GLU B 220 11.77 2.94 1.80
C GLU B 220 10.31 2.58 1.52
N GLU B 221 9.40 3.46 1.92
CA GLU B 221 7.97 3.26 1.63
C GLU B 221 7.69 3.24 0.14
N PHE B 222 8.35 4.11 -0.61
CA PHE B 222 8.17 4.16 -2.05
C PHE B 222 8.75 2.92 -2.75
N GLN B 223 9.88 2.43 -2.27
CA GLN B 223 10.49 1.20 -2.81
C GLN B 223 9.55 0.00 -2.64
N VAL B 224 8.93 -0.09 -1.48
CA VAL B 224 7.97 -1.16 -1.24
C VAL B 224 6.79 -1.00 -2.17
N PHE B 225 6.30 0.23 -2.30
CA PHE B 225 5.19 0.51 -3.18
C PHE B 225 5.48 0.08 -4.62
N LYS B 226 6.69 0.37 -5.10
CA LYS B 226 7.04 0.01 -6.47
C LYS B 226 6.90 -1.50 -6.66
N LYS B 227 7.35 -2.26 -5.66
CA LYS B 227 7.22 -3.71 -5.71
C LYS B 227 5.77 -4.17 -5.67
N LEU B 228 4.98 -3.54 -4.80
CA LEU B 228 3.55 -3.85 -4.72
C LEU B 228 2.84 -3.54 -6.04
N LEU B 229 3.16 -2.39 -6.62
CA LEU B 229 2.51 -1.96 -7.85
C LEU B 229 2.88 -2.86 -9.05
N ALA B 230 4.15 -3.24 -9.12
CA ALA B 230 4.62 -4.14 -10.17
C ALA B 230 3.90 -5.50 -10.10
N ARG B 231 3.64 -6.00 -8.89
CA ARG B 231 2.92 -7.27 -8.74
C ARG B 231 1.46 -7.13 -9.15
N GLU B 232 0.84 -6.02 -8.76
CA GLU B 232 -0.53 -5.71 -9.17
C GLU B 232 -0.65 -5.75 -10.69
N GLU B 233 0.32 -5.12 -11.35
CA GLU B 233 0.30 -5.03 -12.80
C GLU B 233 0.48 -6.41 -13.42
N GLU B 234 1.45 -7.17 -12.93
CA GLU B 234 1.69 -8.52 -13.43
C GLU B 234 0.47 -9.42 -13.26
N GLU B 235 -0.32 -9.17 -12.21
CA GLU B 235 -1.39 -10.07 -11.85
C GLU B 235 -2.75 -9.78 -12.51
N SER B 236 -2.91 -8.56 -13.00
CA SER B 236 -4.08 -8.24 -13.81
C SER B 236 -3.71 -8.42 -15.28
N GLU B 237 -2.42 -8.22 -15.57
CA GLU B 237 -1.88 -8.36 -16.92
C GLU B 237 -0.74 -9.38 -16.94
#